data_3SH0
#
_entry.id   3SH0
#
_cell.length_a   62.765
_cell.length_b   68.724
_cell.length_c   112.056
_cell.angle_alpha   90.000
_cell.angle_beta   90.000
_cell.angle_gamma   90.000
#
_symmetry.space_group_name_H-M   'P 21 21 21'
#
loop_
_entity.id
_entity.type
_entity.pdbx_description
1 polymer 'Undecaprenyl pyrophosphate synthase'
2 non-polymer '2-(dodecyloxy)-6-hydroxybenzoic acid'
3 water water
#
_entity_poly.entity_id   1
_entity_poly.type   'polypeptide(L)'
_entity_poly.pdbx_seq_one_letter_code
;MMLSATQPLSEKLPAHGCRHVAIIMDGNGRWAKKQGKIRAFGHKAGAKSVRRAVSFAANNGIEALTLYAFSSENWNRPAQ
EVSALMELFVWALDSEVKSLHRHNVRLRIIGDTSRFNSRLQERIRKSEALTAGNTGLTLNIAANYGGRWDIVQGVRQLAE
KVQQGNLQPDQIDEEMLNQHVCMHELAPVDLVIRTGGEHRISNFLLWQIAYAELYFTDVLWPDFDEQDFEGALNAFANRE
RRFGGTEPGDETA
;
_entity_poly.pdbx_strand_id   B,A
#
# COMPACT_ATOMS: atom_id res chain seq x y z
N LEU A 13 -0.62 17.65 -19.68
CA LEU A 13 -0.04 17.36 -18.34
C LEU A 13 0.53 18.61 -17.68
N PRO A 14 0.15 18.86 -16.41
CA PRO A 14 0.65 20.02 -15.70
C PRO A 14 2.16 19.86 -15.51
N ALA A 15 2.88 20.97 -15.34
CA ALA A 15 4.34 20.91 -15.09
C ALA A 15 4.74 19.93 -13.96
N HIS A 16 3.94 19.86 -12.88
CA HIS A 16 4.33 19.01 -11.77
C HIS A 16 4.17 17.49 -12.06
N GLY A 17 3.40 17.16 -13.10
CA GLY A 17 3.28 15.80 -13.59
C GLY A 17 2.21 15.00 -12.89
N CYS A 18 1.54 15.61 -11.90
CA CYS A 18 0.70 14.85 -11.02
C CYS A 18 -0.74 14.94 -11.48
N ARG A 19 -1.34 13.83 -11.87
CA ARG A 19 -2.77 13.83 -12.22
C ARG A 19 -3.70 13.49 -11.07
N HIS A 20 -3.24 12.65 -10.12
CA HIS A 20 -4.15 12.16 -9.05
C HIS A 20 -3.38 12.08 -7.75
N VAL A 21 -3.83 12.88 -6.78
CA VAL A 21 -3.21 12.96 -5.48
C VAL A 21 -4.20 12.35 -4.48
N ALA A 22 -3.71 11.49 -3.60
CA ALA A 22 -4.56 11.00 -2.50
C ALA A 22 -3.94 11.50 -1.19
N ILE A 23 -4.76 11.84 -0.20
CA ILE A 23 -4.22 12.41 1.06
C ILE A 23 -4.82 11.70 2.26
N ILE A 24 -3.96 11.20 3.16
CA ILE A 24 -4.39 10.76 4.46
C ILE A 24 -4.28 11.95 5.37
N MET A 25 -5.42 12.49 5.82
CA MET A 25 -5.46 13.75 6.54
C MET A 25 -5.40 13.38 8.04
N ASP A 26 -4.28 13.53 8.67
CA ASP A 26 -4.15 13.13 10.08
C ASP A 26 -3.57 14.32 10.84
N GLY A 27 -3.90 14.42 12.15
CA GLY A 27 -3.29 15.46 12.99
C GLY A 27 -4.32 16.46 13.56
N ASN A 28 -5.62 16.28 13.27
CA ASN A 28 -6.64 17.26 13.81
C ASN A 28 -6.67 17.26 15.35
N GLY A 29 -6.71 16.06 15.92
CA GLY A 29 -6.73 15.87 17.39
C GLY A 29 -5.51 16.46 18.06
N ARG A 30 -4.33 16.15 17.51
CA ARG A 30 -3.09 16.65 18.11
C ARG A 30 -3.03 18.15 18.00
N TRP A 31 -3.54 18.68 16.89
CA TRP A 31 -3.53 20.12 16.69
C TRP A 31 -4.38 20.79 17.74
N ALA A 32 -5.59 20.26 17.98
CA ALA A 32 -6.48 20.89 18.98
C ALA A 32 -5.83 20.81 20.40
N LYS A 33 -5.23 19.66 20.68
CA LYS A 33 -4.62 19.45 22.02
C LYS A 33 -3.49 20.45 22.23
N LYS A 34 -2.67 20.66 21.20
CA LYS A 34 -1.55 21.63 21.35
C LYS A 34 -2.05 23.03 21.70
N GLN A 35 -3.25 23.34 21.19
CA GLN A 35 -3.98 24.63 21.42
C GLN A 35 -4.72 24.67 22.79
N GLY A 36 -4.72 23.56 23.54
CA GLY A 36 -5.57 23.39 24.74
C GLY A 36 -7.06 23.47 24.40
N LYS A 37 -7.42 22.99 23.21
CA LYS A 37 -8.78 23.00 22.73
C LYS A 37 -9.32 21.59 22.60
N ILE A 38 -10.64 21.46 22.76
CA ILE A 38 -11.25 20.16 22.52
C ILE A 38 -11.23 19.76 21.02
N ARG A 39 -11.39 18.45 20.79
CA ARG A 39 -11.41 17.85 19.42
C ARG A 39 -12.19 18.64 18.39
N ALA A 40 -13.41 19.03 18.71
CA ALA A 40 -14.27 19.78 17.77
C ALA A 40 -13.55 20.96 17.10
N PHE A 41 -12.65 21.65 17.85
CA PHE A 41 -11.97 22.80 17.25
C PHE A 41 -10.99 22.32 16.18
N GLY A 42 -10.40 21.18 16.42
CA GLY A 42 -9.42 20.59 15.44
C GLY A 42 -10.22 20.14 14.23
N HIS A 43 -11.42 19.64 14.48
CA HIS A 43 -12.25 19.24 13.35
C HIS A 43 -12.70 20.41 12.46
N LYS A 44 -13.04 21.54 13.07
CA LYS A 44 -13.36 22.78 12.34
C LYS A 44 -12.15 23.29 11.55
N ALA A 45 -10.98 23.30 12.20
CA ALA A 45 -9.77 23.72 11.49
C ALA A 45 -9.43 22.75 10.38
N GLY A 46 -9.60 21.46 10.64
CA GLY A 46 -9.35 20.43 9.60
C GLY A 46 -10.30 20.63 8.40
N ALA A 47 -11.56 21.00 8.66
CA ALA A 47 -12.49 21.23 7.57
C ALA A 47 -12.03 22.42 6.74
N LYS A 48 -11.52 23.46 7.41
CA LYS A 48 -10.99 24.63 6.65
C LYS A 48 -9.83 24.18 5.80
N SER A 49 -8.96 23.31 6.33
CA SER A 49 -7.83 22.81 5.54
C SER A 49 -8.29 21.91 4.36
N VAL A 50 -9.39 21.14 4.56
CA VAL A 50 -9.99 20.44 3.37
C VAL A 50 -10.39 21.42 2.24
N ARG A 51 -11.14 22.47 2.57
CA ARG A 51 -11.60 23.41 1.53
C ARG A 51 -10.43 24.02 0.82
N ARG A 52 -9.38 24.32 1.60
CA ARG A 52 -8.15 24.99 1.04
C ARG A 52 -7.46 24.01 0.09
N ALA A 53 -7.40 22.72 0.46
CA ALA A 53 -6.66 21.77 -0.38
C ALA A 53 -7.45 21.46 -1.63
N VAL A 54 -8.77 21.37 -1.51
CA VAL A 54 -9.63 21.15 -2.68
C VAL A 54 -9.45 22.30 -3.71
N SER A 55 -9.52 23.51 -3.22
CA SER A 55 -9.33 24.74 -4.03
C SER A 55 -7.95 24.69 -4.67
N PHE A 56 -6.95 24.37 -3.86
CA PHE A 56 -5.56 24.31 -4.39
C PHE A 56 -5.46 23.29 -5.56
N ALA A 57 -5.93 22.07 -5.32
CA ALA A 57 -5.85 21.03 -6.39
C ALA A 57 -6.60 21.47 -7.66
N ALA A 58 -7.79 22.02 -7.48
CA ALA A 58 -8.60 22.45 -8.62
C ALA A 58 -7.95 23.54 -9.45
N ASN A 59 -7.20 24.42 -8.80
CA ASN A 59 -6.51 25.49 -9.46
C ASN A 59 -5.09 25.22 -9.98
N ASN A 60 -4.59 24.04 -9.68
CA ASN A 60 -3.27 23.64 -10.05
C ASN A 60 -3.29 22.41 -11.00
N GLY A 61 -4.40 22.22 -11.66
CA GLY A 61 -4.45 21.29 -12.78
C GLY A 61 -4.51 19.82 -12.41
N ILE A 62 -4.76 19.53 -11.14
CA ILE A 62 -4.86 18.13 -10.71
C ILE A 62 -6.16 17.60 -11.27
N GLU A 63 -6.18 16.39 -11.80
CA GLU A 63 -7.45 15.82 -12.26
C GLU A 63 -8.32 15.25 -11.15
N ALA A 64 -7.69 14.61 -10.16
CA ALA A 64 -8.43 13.88 -9.13
C ALA A 64 -7.72 14.06 -7.80
N LEU A 65 -8.53 14.21 -6.76
CA LEU A 65 -8.02 14.38 -5.38
C LEU A 65 -8.84 13.43 -4.56
N THR A 66 -8.17 12.56 -3.80
CA THR A 66 -8.91 11.53 -3.06
C THR A 66 -8.55 11.69 -1.58
N LEU A 67 -9.54 11.85 -0.72
CA LEU A 67 -9.23 12.25 0.69
C LEU A 67 -9.70 11.22 1.64
N TYR A 68 -8.86 10.94 2.63
CA TYR A 68 -9.18 9.93 3.62
C TYR A 68 -8.96 10.59 4.99
N ALA A 69 -10.01 10.65 5.78
CA ALA A 69 -9.92 11.21 7.18
C ALA A 69 -9.51 10.09 8.09
N PHE A 70 -8.27 10.17 8.60
CA PHE A 70 -7.77 9.10 9.44
C PHE A 70 -8.45 9.25 10.79
N SER A 71 -8.83 8.11 11.37
CA SER A 71 -9.38 8.12 12.72
C SER A 71 -8.59 7.12 13.55
N SER A 72 -8.49 5.85 13.10
CA SER A 72 -7.61 4.88 13.77
C SER A 72 -7.30 3.63 12.92
N ALA A 79 -18.27 1.84 18.18
CA ALA A 79 -19.59 2.47 18.11
C ALA A 79 -19.49 3.99 18.07
N GLN A 80 -18.74 4.56 19.01
CA GLN A 80 -18.59 6.00 19.13
C GLN A 80 -17.71 6.54 18.01
N GLU A 81 -16.77 5.71 17.54
CA GLU A 81 -15.92 6.07 16.40
C GLU A 81 -16.74 6.14 15.10
N VAL A 82 -17.52 5.08 14.86
CA VAL A 82 -18.49 5.01 13.77
C VAL A 82 -19.40 6.23 13.79
N SER A 83 -20.04 6.47 14.94
CA SER A 83 -20.96 7.59 15.12
C SER A 83 -20.36 9.01 14.84
N ALA A 84 -19.15 9.29 15.37
CA ALA A 84 -18.45 10.55 15.06
C ALA A 84 -18.12 10.68 13.55
N LEU A 85 -17.83 9.54 12.94
CA LEU A 85 -17.45 9.54 11.52
C LEU A 85 -18.69 9.77 10.65
N MET A 86 -19.80 9.20 11.07
CA MET A 86 -21.07 9.40 10.40
C MET A 86 -21.48 10.88 10.49
N GLU A 87 -21.29 11.48 11.67
CA GLU A 87 -21.71 12.87 11.90
C GLU A 87 -20.92 13.77 10.96
N LEU A 88 -19.61 13.55 10.90
CA LEU A 88 -18.72 14.32 10.01
C LEU A 88 -19.18 14.24 8.54
N PHE A 89 -19.44 13.02 8.09
CA PHE A 89 -19.88 12.76 6.71
C PHE A 89 -21.24 13.42 6.39
N VAL A 90 -22.23 13.17 7.25
CA VAL A 90 -23.60 13.65 7.05
C VAL A 90 -23.59 15.17 6.98
N TRP A 91 -22.83 15.80 7.88
CA TRP A 91 -22.84 17.23 7.96
C TRP A 91 -22.11 17.82 6.73
N ALA A 92 -20.99 17.20 6.36
CA ALA A 92 -20.27 17.62 5.14
C ALA A 92 -21.16 17.51 3.86
N LEU A 93 -21.86 16.39 3.72
CA LEU A 93 -22.68 16.18 2.53
C LEU A 93 -23.77 17.26 2.53
N ASP A 94 -24.34 17.50 3.71
CA ASP A 94 -25.33 18.55 3.85
C ASP A 94 -24.72 19.90 3.45
N SER A 95 -23.57 20.27 4.05
CA SER A 95 -23.13 21.66 3.96
C SER A 95 -22.28 22.02 2.71
N GLU A 96 -21.55 21.07 2.14
CA GLU A 96 -20.50 21.43 1.18
C GLU A 96 -20.80 21.14 -0.27
N VAL A 97 -21.85 20.38 -0.54
CA VAL A 97 -22.08 19.89 -1.93
C VAL A 97 -22.42 21.03 -2.88
N LYS A 98 -23.20 22.00 -2.39
CA LYS A 98 -23.54 23.16 -3.26
C LYS A 98 -22.29 23.97 -3.64
N SER A 99 -21.40 24.16 -2.68
CA SER A 99 -20.17 24.87 -2.98
C SER A 99 -19.30 24.09 -3.99
N LEU A 100 -19.22 22.76 -3.83
CA LEU A 100 -18.45 21.95 -4.82
C LEU A 100 -19.00 22.18 -6.20
N HIS A 101 -20.34 22.16 -6.28
CA HIS A 101 -21.01 22.19 -7.61
C HIS A 101 -20.72 23.54 -8.24
N ARG A 102 -20.74 24.58 -7.41
CA ARG A 102 -20.50 25.94 -7.89
C ARG A 102 -18.99 26.20 -8.26
N HIS A 103 -18.12 25.28 -7.91
CA HIS A 103 -16.70 25.32 -8.33
C HIS A 103 -16.37 24.26 -9.38
N ASN A 104 -17.41 23.67 -9.95
CA ASN A 104 -17.25 22.74 -11.07
C ASN A 104 -16.55 21.47 -10.65
N VAL A 105 -16.70 21.08 -9.38
CA VAL A 105 -16.11 19.81 -8.87
C VAL A 105 -17.09 18.65 -8.97
N ARG A 106 -16.59 17.52 -9.45
CA ARG A 106 -17.38 16.30 -9.61
C ARG A 106 -17.07 15.45 -8.37
N LEU A 107 -18.11 15.23 -7.55
CA LEU A 107 -17.98 14.54 -6.27
C LEU A 107 -18.33 13.02 -6.37
N ARG A 108 -17.45 12.19 -5.82
CA ARG A 108 -17.71 10.76 -5.73
C ARG A 108 -17.40 10.30 -4.31
N ILE A 109 -18.23 9.41 -3.77
CA ILE A 109 -17.91 8.76 -2.49
C ILE A 109 -17.38 7.38 -2.73
N ILE A 110 -16.28 7.00 -2.09
CA ILE A 110 -15.77 5.64 -2.24
C ILE A 110 -15.80 4.98 -0.87
N GLY A 111 -16.18 3.71 -0.82
CA GLY A 111 -16.21 3.02 0.44
C GLY A 111 -17.53 2.24 0.50
N ASP A 112 -17.69 1.46 1.57
CA ASP A 112 -18.80 0.52 1.69
C ASP A 112 -20.00 1.28 2.29
N THR A 113 -20.80 1.85 1.41
CA THR A 113 -21.90 2.66 1.83
C THR A 113 -23.20 1.82 1.85
N SER A 114 -23.05 0.50 1.60
CA SER A 114 -24.21 -0.41 1.55
C SER A 114 -24.92 -0.52 2.91
N ARG A 115 -24.19 -0.29 4.00
CA ARG A 115 -24.86 -0.30 5.30
C ARG A 115 -25.47 1.01 5.78
N PHE A 116 -25.18 2.10 5.09
CA PHE A 116 -25.83 3.36 5.41
C PHE A 116 -27.34 3.20 5.22
N ASN A 117 -28.12 3.86 6.07
CA ASN A 117 -29.59 3.87 5.92
C ASN A 117 -29.95 4.46 4.57
N SER A 118 -31.12 4.07 4.05
CA SER A 118 -31.47 4.35 2.67
C SER A 118 -31.64 5.85 2.34
N ARG A 119 -31.89 6.69 3.35
CA ARG A 119 -32.03 8.17 3.18
C ARG A 119 -30.66 8.82 2.96
N LEU A 120 -29.68 8.35 3.73
CA LEU A 120 -28.31 8.75 3.56
C LEU A 120 -27.79 8.25 2.20
N GLN A 121 -28.04 6.99 1.88
CA GLN A 121 -27.59 6.47 0.57
C GLN A 121 -28.27 7.31 -0.55
N GLU A 122 -29.50 7.81 -0.31
CA GLU A 122 -30.17 8.65 -1.30
C GLU A 122 -29.52 10.02 -1.45
N ARG A 123 -29.15 10.62 -0.33
CA ARG A 123 -28.45 11.91 -0.35
C ARG A 123 -27.04 11.83 -1.03
N ILE A 124 -26.35 10.70 -0.85
CA ILE A 124 -25.08 10.45 -1.55
C ILE A 124 -25.35 10.38 -3.07
N ARG A 125 -26.35 9.59 -3.45
CA ARG A 125 -26.70 9.44 -4.85
C ARG A 125 -27.08 10.78 -5.47
N LYS A 126 -27.84 11.59 -4.74
CA LYS A 126 -28.29 12.86 -5.31
C LYS A 126 -27.11 13.83 -5.45
N SER A 127 -26.19 13.77 -4.49
CA SER A 127 -25.00 14.66 -4.54
C SER A 127 -24.08 14.26 -5.67
N GLU A 128 -23.95 12.97 -5.89
CA GLU A 128 -23.12 12.48 -6.98
C GLU A 128 -23.79 12.81 -8.32
N ALA A 129 -25.09 12.59 -8.40
CA ALA A 129 -25.82 12.90 -9.66
C ALA A 129 -25.75 14.37 -10.00
N LEU A 130 -25.91 15.23 -8.99
CA LEU A 130 -25.87 16.65 -9.20
C LEU A 130 -24.56 17.14 -9.85
N THR A 131 -23.43 16.55 -9.41
CA THR A 131 -22.10 16.97 -9.82
C THR A 131 -21.48 16.10 -10.90
N ALA A 132 -22.22 15.11 -11.37
CA ALA A 132 -21.61 14.19 -12.31
C ALA A 132 -21.20 14.80 -13.66
N GLY A 133 -21.87 15.84 -14.12
CA GLY A 133 -21.47 16.51 -15.37
C GLY A 133 -20.40 17.58 -15.20
N ASN A 134 -19.91 17.77 -13.96
CA ASN A 134 -18.88 18.80 -13.75
C ASN A 134 -17.55 18.40 -14.38
N THR A 135 -16.88 19.39 -14.95
CA THR A 135 -15.67 19.15 -15.72
C THR A 135 -14.33 19.54 -15.06
N GLY A 136 -14.40 20.02 -13.81
CA GLY A 136 -13.18 20.44 -13.09
C GLY A 136 -12.61 19.25 -12.32
N LEU A 137 -12.08 19.52 -11.15
CA LEU A 137 -11.53 18.47 -10.29
C LEU A 137 -12.53 17.36 -10.03
N THR A 138 -12.07 16.12 -10.06
CA THR A 138 -12.89 15.02 -9.51
C THR A 138 -12.43 14.79 -8.04
N LEU A 139 -13.36 14.89 -7.10
CA LEU A 139 -13.00 14.82 -5.67
C LEU A 139 -13.65 13.53 -5.17
N ASN A 140 -12.79 12.57 -4.77
CA ASN A 140 -13.26 11.31 -4.13
C ASN A 140 -13.11 11.37 -2.61
N ILE A 141 -14.19 11.13 -1.88
CA ILE A 141 -14.17 11.23 -0.43
C ILE A 141 -14.39 9.80 0.07
N ALA A 142 -13.41 9.29 0.84
CA ALA A 142 -13.49 7.93 1.41
C ALA A 142 -14.44 7.98 2.62
N ALA A 143 -15.44 7.10 2.63
CA ALA A 143 -16.37 6.99 3.74
C ALA A 143 -16.62 5.51 3.96
N ASN A 144 -16.32 5.01 5.15
CA ASN A 144 -16.31 3.60 5.39
C ASN A 144 -15.51 2.82 4.33
N TYR A 145 -14.33 3.37 4.02
CA TYR A 145 -13.42 2.86 3.04
C TYR A 145 -12.24 2.09 3.69
N GLY A 146 -11.93 0.92 3.12
CA GLY A 146 -10.62 0.25 3.48
C GLY A 146 -10.07 -0.33 2.21
N GLY A 147 -8.74 -0.30 2.06
CA GLY A 147 -8.05 -0.85 0.87
C GLY A 147 -8.31 -2.35 0.69
N ARG A 148 -8.31 -3.07 1.81
CA ARG A 148 -8.62 -4.51 1.74
C ARG A 148 -10.08 -4.72 1.29
N TRP A 149 -11.03 -4.01 1.88
CA TRP A 149 -12.45 -4.05 1.48
C TRP A 149 -12.63 -3.81 -0.01
N ASP A 150 -11.93 -2.80 -0.55
CA ASP A 150 -11.94 -2.43 -1.96
C ASP A 150 -11.51 -3.59 -2.87
N ILE A 151 -10.40 -4.22 -2.50
CA ILE A 151 -10.00 -5.39 -3.27
C ILE A 151 -11.13 -6.47 -3.17
N VAL A 152 -11.54 -6.76 -1.94
CA VAL A 152 -12.53 -7.82 -1.72
C VAL A 152 -13.81 -7.54 -2.51
N GLN A 153 -14.31 -6.32 -2.51
CA GLN A 153 -15.53 -6.09 -3.28
C GLN A 153 -15.33 -6.37 -4.78
N GLY A 154 -14.13 -6.02 -5.27
CA GLY A 154 -13.82 -6.30 -6.70
C GLY A 154 -13.81 -7.79 -6.94
N VAL A 155 -13.18 -8.52 -6.01
CA VAL A 155 -13.13 -9.98 -6.12
C VAL A 155 -14.52 -10.56 -6.14
N ARG A 156 -15.38 -10.08 -5.26
CA ARG A 156 -16.78 -10.56 -5.27
C ARG A 156 -17.50 -10.30 -6.60
N GLN A 157 -17.27 -9.14 -7.22
CA GLN A 157 -17.80 -8.87 -8.59
C GLN A 157 -17.34 -9.90 -9.61
N LEU A 158 -16.05 -10.28 -9.54
CA LEU A 158 -15.51 -11.30 -10.45
C LEU A 158 -16.08 -12.68 -10.14
N ALA A 159 -16.23 -12.96 -8.87
CA ALA A 159 -16.77 -14.26 -8.46
C ALA A 159 -18.21 -14.40 -8.92
N GLU A 160 -18.97 -13.32 -8.89
CA GLU A 160 -20.34 -13.39 -9.44
C GLU A 160 -20.38 -13.66 -10.94
N LYS A 161 -19.44 -13.06 -11.68
CA LYS A 161 -19.30 -13.33 -13.10
C LYS A 161 -18.90 -14.77 -13.37
N VAL A 162 -18.05 -15.34 -12.52
CA VAL A 162 -17.71 -16.74 -12.69
C VAL A 162 -18.94 -17.60 -12.44
N GLN A 163 -19.66 -17.30 -11.38
CA GLN A 163 -20.84 -18.14 -11.03
C GLN A 163 -21.98 -17.99 -12.04
N GLN A 164 -22.24 -16.76 -12.46
CA GLN A 164 -23.16 -16.51 -13.56
C GLN A 164 -22.36 -16.70 -14.85
N GLY A 165 -22.06 -17.97 -15.15
CA GLY A 165 -21.08 -18.45 -16.15
C GLY A 165 -20.26 -17.62 -17.15
N ASN A 166 -20.26 -16.31 -16.95
CA ASN A 166 -19.67 -15.37 -17.88
C ASN A 166 -18.14 -15.19 -17.90
N LEU A 167 -17.46 -15.75 -16.89
CA LEU A 167 -16.02 -15.52 -16.69
C LEU A 167 -15.31 -16.82 -16.29
N GLN A 168 -14.20 -17.12 -16.96
CA GLN A 168 -13.38 -18.29 -16.59
C GLN A 168 -12.30 -17.89 -15.57
N PRO A 169 -12.06 -18.71 -14.52
CA PRO A 169 -11.03 -18.26 -13.56
C PRO A 169 -9.70 -17.90 -14.24
N ASP A 170 -9.32 -18.60 -15.30
CA ASP A 170 -7.98 -18.37 -15.87
C ASP A 170 -7.89 -17.14 -16.75
N GLN A 171 -9.04 -16.52 -17.02
CA GLN A 171 -9.08 -15.23 -17.73
C GLN A 171 -8.78 -14.08 -16.75
N ILE A 172 -8.79 -14.37 -15.45
CA ILE A 172 -8.61 -13.27 -14.42
C ILE A 172 -7.15 -12.88 -14.35
N ASP A 173 -6.89 -11.63 -14.65
CA ASP A 173 -5.55 -11.16 -14.57
C ASP A 173 -5.56 -9.86 -13.83
N GLU A 174 -4.40 -9.24 -13.76
CA GLU A 174 -4.29 -8.02 -12.98
C GLU A 174 -5.13 -6.89 -13.57
N GLU A 175 -5.11 -6.78 -14.92
CA GLU A 175 -5.87 -5.72 -15.62
C GLU A 175 -7.35 -5.94 -15.34
N MET A 176 -7.78 -7.18 -15.30
CA MET A 176 -9.18 -7.43 -15.00
C MET A 176 -9.53 -7.04 -13.59
N LEU A 177 -8.75 -7.49 -12.61
CA LEU A 177 -9.10 -7.06 -11.25
C LEU A 177 -9.03 -5.53 -11.10
N ASN A 178 -8.09 -4.89 -11.81
CA ASN A 178 -7.88 -3.45 -11.75
C ASN A 178 -9.17 -2.75 -12.17
N GLN A 179 -9.84 -3.34 -13.17
CA GLN A 179 -11.09 -2.78 -13.70
C GLN A 179 -12.27 -2.90 -12.75
N HIS A 180 -12.10 -3.59 -11.63
CA HIS A 180 -13.14 -3.69 -10.61
C HIS A 180 -12.90 -3.03 -9.22
N VAL A 181 -11.77 -2.35 -9.03
CA VAL A 181 -11.49 -1.64 -7.79
C VAL A 181 -11.91 -0.17 -7.91
N CYS A 182 -12.07 0.51 -6.78
CA CYS A 182 -12.58 1.90 -6.81
C CYS A 182 -11.65 2.74 -7.62
N MET A 183 -12.21 3.67 -8.39
CA MET A 183 -11.44 4.72 -9.12
C MET A 183 -10.67 4.20 -10.34
N HIS A 184 -10.98 2.97 -10.80
CA HIS A 184 -10.22 2.42 -11.93
C HIS A 184 -10.36 3.29 -13.19
N GLU A 185 -11.47 4.04 -13.30
CA GLU A 185 -11.67 4.81 -14.52
C GLU A 185 -10.96 6.17 -14.53
N LEU A 186 -10.38 6.56 -13.38
CA LEU A 186 -9.63 7.79 -13.23
C LEU A 186 -8.14 7.53 -13.47
N ALA A 187 -7.36 8.62 -13.66
CA ALA A 187 -5.92 8.48 -13.70
C ALA A 187 -5.41 7.70 -12.48
N PRO A 188 -4.37 6.86 -12.66
CA PRO A 188 -3.69 6.16 -11.56
C PRO A 188 -3.29 7.17 -10.51
N VAL A 189 -3.34 6.80 -9.25
CA VAL A 189 -2.78 7.65 -8.16
C VAL A 189 -1.28 7.80 -8.31
N ASP A 190 -0.82 9.03 -8.48
CA ASP A 190 0.60 9.34 -8.66
C ASP A 190 1.27 9.59 -7.32
N LEU A 191 0.51 10.16 -6.39
CA LEU A 191 1.16 10.70 -5.19
C LEU A 191 0.23 10.49 -4.02
N VAL A 192 0.76 9.89 -2.93
CA VAL A 192 0.02 9.79 -1.66
C VAL A 192 0.71 10.69 -0.65
N ILE A 193 -0.05 11.60 -0.03
CA ILE A 193 0.52 12.44 1.02
C ILE A 193 -0.11 11.98 2.34
N ARG A 194 0.71 11.80 3.38
CA ARG A 194 0.09 11.63 4.70
C ARG A 194 0.66 12.70 5.63
N THR A 195 -0.24 13.45 6.25
CA THR A 195 0.18 14.47 7.23
C THR A 195 0.14 13.91 8.58
N GLY A 196 0.69 14.64 9.55
CA GLY A 196 0.49 14.28 10.95
C GLY A 196 1.59 13.41 11.53
N GLY A 197 2.59 13.04 10.72
CA GLY A 197 3.81 12.40 11.24
C GLY A 197 3.91 10.86 11.20
N GLU A 198 2.80 10.12 11.04
CA GLU A 198 2.87 8.61 10.96
C GLU A 198 3.24 8.18 9.55
N HIS A 199 4.02 7.08 9.47
CA HIS A 199 4.54 6.58 8.17
C HIS A 199 3.89 5.25 7.86
N ARG A 200 2.61 5.28 7.57
CA ARG A 200 1.77 4.06 7.38
C ARG A 200 0.61 4.40 6.48
N ILE A 201 0.13 3.39 5.78
CA ILE A 201 -1.01 3.52 4.87
C ILE A 201 -2.31 3.34 5.63
N SER A 202 -2.26 2.58 6.72
CA SER A 202 -3.43 2.40 7.64
C SER A 202 -4.66 1.94 6.84
N ASN A 203 -4.44 0.98 5.93
CA ASN A 203 -5.54 0.37 5.17
C ASN A 203 -6.37 1.41 4.39
N PHE A 204 -5.72 2.45 3.89
CA PHE A 204 -6.26 3.30 2.83
C PHE A 204 -6.03 2.54 1.55
N LEU A 205 -5.80 3.24 0.44
CA LEU A 205 -5.63 2.53 -0.86
C LEU A 205 -4.43 1.59 -0.77
N LEU A 206 -4.60 0.41 -1.31
CA LEU A 206 -3.53 -0.59 -1.37
C LEU A 206 -3.24 -1.00 -2.81
N TRP A 207 -4.22 -1.61 -3.49
CA TRP A 207 -4.07 -1.97 -4.89
C TRP A 207 -3.59 -0.74 -5.73
N GLN A 208 -4.24 0.39 -5.46
CA GLN A 208 -4.06 1.57 -6.32
C GLN A 208 -2.72 2.27 -6.07
N ILE A 209 -2.03 1.94 -4.97
CA ILE A 209 -0.77 2.66 -4.71
C ILE A 209 0.49 1.87 -5.03
N ALA A 210 0.36 0.77 -5.77
CA ALA A 210 1.54 -0.04 -6.18
C ALA A 210 2.70 0.76 -6.74
N TYR A 211 2.41 1.82 -7.52
CA TYR A 211 3.50 2.60 -8.18
C TYR A 211 3.56 4.07 -7.74
N ALA A 212 2.69 4.45 -6.76
CA ALA A 212 2.63 5.84 -6.29
C ALA A 212 3.85 6.32 -5.48
N GLU A 213 4.21 7.60 -5.62
CA GLU A 213 5.17 8.30 -4.76
C GLU A 213 4.45 8.46 -3.38
N LEU A 214 5.15 8.12 -2.29
CA LEU A 214 4.55 8.20 -0.92
C LEU A 214 5.30 9.39 -0.25
N TYR A 215 4.57 10.37 0.22
CA TYR A 215 5.19 11.58 0.76
C TYR A 215 4.63 11.80 2.19
N PHE A 216 5.49 11.77 3.20
CA PHE A 216 5.02 11.87 4.58
C PHE A 216 5.54 13.19 5.12
N THR A 217 4.65 13.96 5.79
CA THR A 217 5.06 15.20 6.42
C THR A 217 4.56 15.18 7.89
N ASP A 218 5.37 15.75 8.77
CA ASP A 218 5.01 15.94 10.16
C ASP A 218 3.95 17.03 10.37
N VAL A 219 3.74 17.86 9.34
CA VAL A 219 2.77 18.97 9.50
C VAL A 219 1.39 18.35 9.81
N LEU A 220 0.71 18.92 10.82
CA LEU A 220 -0.63 18.43 11.20
C LEU A 220 -1.64 18.90 10.17
N TRP A 221 -2.68 18.09 9.94
CA TRP A 221 -3.62 18.41 8.89
C TRP A 221 -4.13 19.87 8.87
N PRO A 222 -4.58 20.43 10.03
CA PRO A 222 -5.14 21.78 9.97
C PRO A 222 -4.14 22.86 9.48
N ASP A 223 -2.84 22.58 9.66
CA ASP A 223 -1.74 23.47 9.27
C ASP A 223 -1.24 23.23 7.85
N PHE A 224 -1.69 22.15 7.20
CA PHE A 224 -1.19 21.81 5.89
C PHE A 224 -1.83 22.75 4.89
N ASP A 225 -1.03 23.67 4.30
CA ASP A 225 -1.59 24.75 3.51
C ASP A 225 -1.13 24.67 2.05
N GLU A 226 -1.32 25.76 1.29
CA GLU A 226 -1.00 25.69 -0.16
C GLU A 226 0.51 25.45 -0.38
N GLN A 227 1.35 26.07 0.47
CA GLN A 227 2.75 25.89 0.31
C GLN A 227 3.19 24.45 0.64
N ASP A 228 2.61 23.85 1.67
CA ASP A 228 2.87 22.40 1.91
C ASP A 228 2.47 21.54 0.70
N PHE A 229 1.31 21.84 0.13
CA PHE A 229 0.78 21.04 -1.00
C PHE A 229 1.71 21.26 -2.22
N GLU A 230 2.12 22.51 -2.45
CA GLU A 230 3.04 22.84 -3.54
C GLU A 230 4.34 22.10 -3.31
N GLY A 231 4.81 22.03 -2.04
CA GLY A 231 6.04 21.28 -1.67
C GLY A 231 5.96 19.80 -2.03
N ALA A 232 4.80 19.20 -1.79
CA ALA A 232 4.58 17.77 -2.10
C ALA A 232 4.56 17.57 -3.64
N LEU A 233 3.88 18.48 -4.35
CA LEU A 233 3.84 18.31 -5.85
C LEU A 233 5.22 18.50 -6.44
N ASN A 234 5.95 19.53 -5.99
CA ASN A 234 7.30 19.73 -6.51
C ASN A 234 8.31 18.58 -6.15
N ALA A 235 8.18 18.04 -4.93
CA ALA A 235 8.86 16.78 -4.64
C ALA A 235 8.48 15.62 -5.57
N PHE A 236 7.21 15.46 -5.91
CA PHE A 236 6.82 14.52 -6.95
C PHE A 236 7.53 14.83 -8.31
N ALA A 237 7.41 16.08 -8.76
CA ALA A 237 7.95 16.49 -10.09
C ALA A 237 9.45 16.17 -10.16
N ASN A 238 10.16 16.40 -9.06
CA ASN A 238 11.63 16.24 -9.01
C ASN A 238 12.07 14.79 -8.79
N ARG A 239 11.18 13.96 -8.26
CA ARG A 239 11.62 12.59 -7.89
C ARG A 239 11.21 11.60 -8.95
N GLU A 240 10.07 11.86 -9.59
CA GLU A 240 9.61 11.12 -10.77
C GLU A 240 10.61 11.21 -11.95
N GLY B 17 9.25 -4.70 19.66
CA GLY B 17 8.11 -5.56 19.24
C GLY B 17 8.08 -5.85 17.72
N CYS B 18 9.18 -5.74 16.99
CA CYS B 18 9.10 -5.93 15.53
C CYS B 18 9.22 -7.43 15.13
N ARG B 19 8.18 -8.08 14.60
CA ARG B 19 8.26 -9.54 14.35
C ARG B 19 8.64 -9.90 12.90
N HIS B 20 8.21 -9.09 11.95
CA HIS B 20 8.35 -9.46 10.52
C HIS B 20 8.78 -8.16 9.81
N VAL B 21 9.98 -8.19 9.26
CA VAL B 21 10.49 -7.05 8.51
C VAL B 21 10.54 -7.39 7.04
N ALA B 22 10.13 -6.46 6.16
CA ALA B 22 10.29 -6.71 4.71
C ALA B 22 11.24 -5.62 4.19
N ILE B 23 12.10 -5.95 3.22
CA ILE B 23 13.06 -4.98 2.72
C ILE B 23 13.03 -4.95 1.22
N ILE B 24 12.90 -3.75 0.65
CA ILE B 24 13.07 -3.55 -0.79
C ILE B 24 14.51 -3.12 -0.94
N MET B 25 15.33 -3.98 -1.51
CA MET B 25 16.77 -3.80 -1.49
C MET B 25 17.16 -3.04 -2.75
N ASP B 26 17.27 -1.75 -2.73
CA ASP B 26 17.53 -1.06 -3.98
C ASP B 26 18.84 -0.30 -3.81
N GLY B 27 19.44 -0.03 -4.96
CA GLY B 27 20.69 0.78 -4.98
C GLY B 27 21.97 0.07 -5.38
N ASN B 28 21.92 -1.23 -5.70
CA ASN B 28 23.13 -1.97 -6.13
C ASN B 28 23.82 -1.32 -7.37
N GLY B 29 23.03 -1.02 -8.41
CA GLY B 29 23.58 -0.46 -9.67
C GLY B 29 24.17 0.91 -9.43
N ARG B 30 23.42 1.77 -8.74
CA ARG B 30 23.89 3.07 -8.43
C ARG B 30 25.15 3.04 -7.53
N TRP B 31 25.18 2.14 -6.56
CA TRP B 31 26.41 1.96 -5.77
C TRP B 31 27.60 1.60 -6.71
N ALA B 32 27.42 0.64 -7.60
CA ALA B 32 28.51 0.18 -8.48
C ALA B 32 29.02 1.37 -9.28
N LYS B 33 28.09 2.12 -9.89
CA LYS B 33 28.47 3.30 -10.63
C LYS B 33 29.26 4.31 -9.77
N LYS B 34 28.87 4.52 -8.52
CA LYS B 34 29.61 5.45 -7.67
C LYS B 34 31.00 4.94 -7.35
N GLN B 35 31.15 3.62 -7.30
CA GLN B 35 32.44 2.95 -7.11
C GLN B 35 33.34 2.99 -8.38
N GLY B 36 32.80 3.39 -9.53
CA GLY B 36 33.53 3.34 -10.80
C GLY B 36 33.69 1.91 -11.33
N LYS B 37 32.67 1.06 -11.06
CA LYS B 37 32.70 -0.36 -11.38
C LYS B 37 31.42 -0.75 -12.14
N ILE B 38 31.47 -1.89 -12.82
CA ILE B 38 30.32 -2.38 -13.56
C ILE B 38 29.27 -2.99 -12.61
N ARG B 39 28.05 -3.20 -13.15
CA ARG B 39 26.89 -3.67 -12.39
C ARG B 39 27.16 -4.93 -11.56
N ALA B 40 27.86 -5.91 -12.13
CA ALA B 40 28.21 -7.18 -11.44
C ALA B 40 28.81 -6.98 -10.04
N PHE B 41 29.67 -5.96 -9.93
CA PHE B 41 30.35 -5.62 -8.70
C PHE B 41 29.37 -5.17 -7.61
N GLY B 42 28.30 -4.51 -8.03
CA GLY B 42 27.33 -4.02 -7.08
C GLY B 42 26.47 -5.20 -6.63
N HIS B 43 26.24 -6.15 -7.52
CA HIS B 43 25.51 -7.36 -7.14
C HIS B 43 26.26 -8.17 -6.11
N LYS B 44 27.56 -8.29 -6.30
CA LYS B 44 28.38 -9.04 -5.36
C LYS B 44 28.32 -8.37 -3.99
N ALA B 45 28.46 -7.03 -3.96
CA ALA B 45 28.41 -6.32 -2.71
C ALA B 45 26.98 -6.37 -2.10
N GLY B 46 25.95 -6.39 -2.95
CA GLY B 46 24.54 -6.52 -2.52
C GLY B 46 24.34 -7.91 -1.87
N ALA B 47 25.01 -8.94 -2.40
CA ALA B 47 24.89 -10.32 -1.83
C ALA B 47 25.57 -10.33 -0.42
N LYS B 48 26.70 -9.65 -0.28
CA LYS B 48 27.31 -9.52 1.05
C LYS B 48 26.33 -8.82 2.02
N SER B 49 25.59 -7.81 1.51
CA SER B 49 24.63 -7.15 2.34
C SER B 49 23.40 -7.99 2.74
N VAL B 50 22.96 -8.86 1.83
CA VAL B 50 21.98 -9.85 2.18
C VAL B 50 22.47 -10.71 3.36
N ARG B 51 23.69 -11.26 3.25
CA ARG B 51 24.14 -12.17 4.31
C ARG B 51 24.17 -11.51 5.66
N ARG B 52 24.62 -10.24 5.65
CA ARG B 52 24.72 -9.45 6.86
C ARG B 52 23.35 -9.19 7.43
N ALA B 53 22.34 -8.89 6.56
CA ALA B 53 21.01 -8.52 7.08
C ALA B 53 20.32 -9.78 7.64
N VAL B 54 20.49 -10.91 6.92
CA VAL B 54 19.91 -12.18 7.38
C VAL B 54 20.54 -12.55 8.78
N SER B 55 21.86 -12.43 8.92
CA SER B 55 22.53 -12.77 10.23
C SER B 55 21.97 -11.88 11.31
N PHE B 56 21.91 -10.59 11.02
CA PHE B 56 21.42 -9.63 11.99
C PHE B 56 19.99 -9.94 12.41
N ALA B 57 19.09 -10.17 11.45
CA ALA B 57 17.73 -10.49 11.89
C ALA B 57 17.66 -11.80 12.69
N ALA B 58 18.39 -12.82 12.28
CA ALA B 58 18.29 -14.12 12.96
C ALA B 58 18.84 -13.96 14.39
N ASN B 59 19.93 -13.21 14.56
CA ASN B 59 20.57 -12.96 15.89
C ASN B 59 19.86 -11.99 16.84
N ASN B 60 18.85 -11.28 16.31
CA ASN B 60 18.06 -10.32 17.08
C ASN B 60 16.60 -10.71 17.29
N GLY B 61 16.31 -12.00 17.12
CA GLY B 61 15.01 -12.53 17.34
C GLY B 61 13.86 -12.15 16.44
N ILE B 62 14.15 -11.62 15.25
CA ILE B 62 13.11 -11.30 14.29
C ILE B 62 12.58 -12.63 13.77
N GLU B 63 11.26 -12.74 13.68
CA GLU B 63 10.62 -14.01 13.29
C GLU B 63 10.66 -14.26 11.79
N ALA B 64 10.51 -13.19 11.00
CA ALA B 64 10.45 -13.35 9.59
C ALA B 64 11.08 -12.16 8.91
N LEU B 65 11.87 -12.45 7.86
CA LEU B 65 12.52 -11.41 7.06
C LEU B 65 12.15 -11.65 5.59
N THR B 66 11.55 -10.64 4.90
CA THR B 66 11.12 -10.88 3.53
C THR B 66 11.88 -9.88 2.61
N LEU B 67 12.63 -10.38 1.63
CA LEU B 67 13.59 -9.57 0.85
C LEU B 67 13.19 -9.51 -0.59
N TYR B 68 13.11 -8.29 -1.10
CA TYR B 68 12.74 -8.08 -2.47
C TYR B 68 13.87 -7.35 -3.21
N ALA B 69 14.41 -7.97 -4.24
CA ALA B 69 15.44 -7.28 -5.13
C ALA B 69 14.78 -6.38 -6.15
N PHE B 70 14.99 -5.06 -6.07
CA PHE B 70 14.36 -4.14 -7.01
C PHE B 70 15.35 -3.74 -8.11
N SER B 71 14.85 -3.53 -9.34
CA SER B 71 15.63 -2.93 -10.44
C SER B 71 14.84 -2.00 -11.34
N PHE B 89 20.11 -14.50 -10.35
CA PHE B 89 19.93 -14.04 -8.97
C PHE B 89 19.66 -15.23 -8.06
N VAL B 90 18.56 -15.93 -8.29
CA VAL B 90 18.20 -17.12 -7.51
C VAL B 90 19.22 -18.28 -7.68
N TRP B 91 19.86 -18.40 -8.83
CA TRP B 91 20.92 -19.42 -8.97
C TRP B 91 22.16 -19.22 -8.08
N ALA B 92 22.49 -17.96 -7.82
CA ALA B 92 23.56 -17.55 -6.90
C ALA B 92 23.22 -18.02 -5.49
N LEU B 93 21.93 -18.13 -5.23
CA LEU B 93 21.44 -18.34 -3.90
C LEU B 93 21.60 -19.80 -3.41
N ASP B 94 21.27 -20.79 -4.23
CA ASP B 94 21.25 -22.20 -3.74
C ASP B 94 22.58 -22.84 -3.31
N SER B 95 23.67 -22.07 -3.40
CA SER B 95 24.97 -22.42 -2.76
C SER B 95 25.02 -22.08 -1.24
N GLU B 96 24.06 -21.30 -0.76
CA GLU B 96 23.89 -20.90 0.68
C GLU B 96 22.92 -21.73 1.54
N VAL B 97 22.22 -22.67 0.96
CA VAL B 97 21.12 -23.33 1.68
C VAL B 97 21.62 -24.13 2.89
N LYS B 98 22.77 -24.78 2.74
CA LYS B 98 23.29 -25.63 3.84
C LYS B 98 23.55 -24.80 5.10
N SER B 99 24.14 -23.64 4.89
CA SER B 99 24.41 -22.65 5.89
C SER B 99 23.12 -22.13 6.49
N LEU B 100 22.09 -21.83 5.69
CA LEU B 100 20.79 -21.44 6.29
C LEU B 100 20.22 -22.54 7.20
N HIS B 101 20.29 -23.77 6.71
CA HIS B 101 19.75 -24.91 7.42
C HIS B 101 20.47 -25.12 8.77
N ARG B 102 21.79 -24.98 8.74
CA ARG B 102 22.56 -25.09 9.98
C ARG B 102 22.17 -24.04 10.99
N HIS B 103 21.74 -22.86 10.48
CA HIS B 103 21.29 -21.73 11.33
C HIS B 103 19.82 -21.78 11.70
N ASN B 104 19.18 -22.92 11.42
CA ASN B 104 17.77 -23.12 11.78
C ASN B 104 16.86 -22.08 11.03
N VAL B 105 17.28 -21.65 9.85
CA VAL B 105 16.42 -20.74 9.04
C VAL B 105 15.51 -21.56 8.14
N ARG B 106 14.24 -21.20 8.12
CA ARG B 106 13.25 -21.78 7.18
C ARG B 106 13.27 -20.88 5.93
N LEU B 107 13.63 -21.45 4.78
CA LEU B 107 13.69 -20.65 3.53
C LEU B 107 12.41 -20.84 2.72
N ARG B 108 11.79 -19.76 2.27
CA ARG B 108 10.64 -19.80 1.33
C ARG B 108 10.88 -18.84 0.21
N ILE B 109 10.45 -19.20 -0.98
CA ILE B 109 10.52 -18.27 -2.08
C ILE B 109 9.07 -17.85 -2.35
N ILE B 110 8.82 -16.56 -2.57
CA ILE B 110 7.47 -16.11 -2.87
C ILE B 110 7.55 -15.46 -4.28
N GLY B 111 6.57 -15.70 -5.11
CA GLY B 111 6.59 -15.13 -6.44
C GLY B 111 6.26 -16.23 -7.46
N ASP B 112 6.21 -15.83 -8.71
CA ASP B 112 5.71 -16.73 -9.76
C ASP B 112 6.93 -17.44 -10.38
N THR B 113 7.18 -18.63 -9.91
CA THR B 113 8.32 -19.40 -10.36
C THR B 113 7.88 -20.43 -11.41
N SER B 114 6.60 -20.37 -11.82
CA SER B 114 6.00 -21.35 -12.72
C SER B 114 6.69 -21.43 -14.09
N ARG B 115 7.35 -20.34 -14.53
CA ARG B 115 8.04 -20.38 -15.83
C ARG B 115 9.61 -20.49 -15.73
N PHE B 116 10.14 -20.61 -14.50
CA PHE B 116 11.54 -20.96 -14.30
C PHE B 116 11.78 -22.33 -14.93
N ASN B 117 13.00 -22.58 -15.39
CA ASN B 117 13.22 -23.93 -15.86
C ASN B 117 13.03 -24.97 -14.75
N SER B 118 12.77 -26.18 -15.21
CA SER B 118 12.29 -27.26 -14.38
C SER B 118 13.32 -27.67 -13.33
N ARG B 119 14.60 -27.64 -13.72
CA ARG B 119 15.66 -27.99 -12.77
C ARG B 119 15.74 -26.95 -11.62
N LEU B 120 15.70 -25.68 -11.98
CA LEU B 120 15.68 -24.58 -10.95
C LEU B 120 14.42 -24.71 -10.08
N GLN B 121 13.27 -25.02 -10.67
CA GLN B 121 12.07 -25.21 -9.85
C GLN B 121 12.25 -26.31 -8.82
N GLU B 122 12.83 -27.42 -9.26
CA GLU B 122 13.08 -28.51 -8.33
C GLU B 122 14.14 -28.17 -7.26
N ARG B 123 15.16 -27.41 -7.62
CA ARG B 123 16.13 -26.94 -6.59
C ARG B 123 15.47 -26.02 -5.55
N ILE B 124 14.58 -25.16 -6.01
CA ILE B 124 13.77 -24.32 -5.10
C ILE B 124 12.93 -25.21 -4.17
N ARG B 125 12.25 -26.21 -4.73
CA ARG B 125 11.38 -27.09 -3.96
C ARG B 125 12.18 -27.86 -2.93
N LYS B 126 13.32 -28.34 -3.33
CA LYS B 126 14.20 -29.13 -2.45
C LYS B 126 14.74 -28.30 -1.32
N SER B 127 15.12 -27.05 -1.61
CA SER B 127 15.65 -26.14 -0.59
C SER B 127 14.56 -25.77 0.39
N GLU B 128 13.35 -25.53 -0.10
CA GLU B 128 12.24 -25.24 0.82
C GLU B 128 11.98 -26.48 1.70
N ALA B 129 11.92 -27.64 1.06
CA ALA B 129 11.61 -28.89 1.79
C ALA B 129 12.66 -29.20 2.87
N LEU B 130 13.91 -29.06 2.51
CA LEU B 130 15.01 -29.23 3.45
C LEU B 130 14.87 -28.41 4.74
N THR B 131 14.49 -27.13 4.61
CA THR B 131 14.49 -26.20 5.74
C THR B 131 13.10 -26.02 6.36
N ALA B 132 12.07 -26.69 5.81
CA ALA B 132 10.63 -26.40 6.11
C ALA B 132 10.30 -26.61 7.60
N GLY B 133 11.04 -27.56 8.16
CA GLY B 133 10.96 -27.97 9.57
C GLY B 133 11.68 -27.06 10.52
N ASN B 134 12.41 -26.05 10.00
CA ASN B 134 13.26 -25.19 10.89
C ASN B 134 12.41 -24.20 11.67
N THR B 135 12.82 -23.89 12.89
CA THR B 135 11.97 -23.13 13.80
C THR B 135 12.53 -21.78 14.15
N GLY B 136 13.64 -21.39 13.51
CA GLY B 136 14.25 -20.08 13.71
C GLY B 136 13.67 -19.04 12.76
N LEU B 137 14.52 -18.20 12.21
CA LEU B 137 14.06 -17.12 11.33
C LEU B 137 13.38 -17.74 10.09
N THR B 138 12.26 -17.18 9.64
CA THR B 138 11.70 -17.57 8.32
C THR B 138 12.18 -16.49 7.34
N LEU B 139 12.94 -16.92 6.34
CA LEU B 139 13.50 -15.99 5.37
C LEU B 139 12.69 -16.19 4.06
N ASN B 140 11.97 -15.16 3.61
CA ASN B 140 11.18 -15.26 2.35
C ASN B 140 11.95 -14.45 1.33
N ILE B 141 12.28 -15.08 0.21
CA ILE B 141 12.96 -14.40 -0.88
C ILE B 141 11.96 -14.22 -2.02
N ALA B 142 11.74 -12.96 -2.40
CA ALA B 142 10.81 -12.71 -3.51
C ALA B 142 11.58 -12.99 -4.83
N ALA B 143 10.96 -13.77 -5.69
CA ALA B 143 11.53 -14.12 -6.99
C ALA B 143 10.39 -14.02 -8.00
N ASN B 144 10.50 -13.01 -8.88
CA ASN B 144 9.46 -12.69 -9.88
C ASN B 144 8.14 -12.49 -9.13
N TYR B 145 8.21 -11.71 -8.05
CA TYR B 145 7.11 -11.47 -7.19
C TYR B 145 6.50 -10.09 -7.54
N GLY B 146 5.18 -9.96 -7.44
CA GLY B 146 4.52 -8.62 -7.55
C GLY B 146 3.36 -8.67 -6.57
N GLY B 147 3.09 -7.57 -5.89
CA GLY B 147 2.02 -7.60 -4.91
C GLY B 147 0.67 -7.74 -5.59
N ARG B 148 0.51 -7.14 -6.79
CA ARG B 148 -0.77 -7.39 -7.54
C ARG B 148 -0.89 -8.84 -8.05
N TRP B 149 0.20 -9.39 -8.54
CA TRP B 149 0.25 -10.82 -8.92
C TRP B 149 -0.21 -11.74 -7.76
N ASP B 150 0.27 -11.44 -6.55
CA ASP B 150 0.04 -12.20 -5.38
C ASP B 150 -1.48 -12.22 -5.06
N ILE B 151 -2.07 -11.03 -5.08
CA ILE B 151 -3.51 -10.94 -4.92
C ILE B 151 -4.25 -11.73 -6.02
N VAL B 152 -3.82 -11.59 -7.28
CA VAL B 152 -4.53 -12.22 -8.42
C VAL B 152 -4.43 -13.72 -8.32
N GLN B 153 -3.27 -14.22 -7.89
CA GLN B 153 -3.16 -15.66 -7.77
C GLN B 153 -4.15 -16.19 -6.71
N GLY B 154 -4.34 -15.48 -5.60
CA GLY B 154 -5.34 -15.88 -4.59
C GLY B 154 -6.79 -15.77 -5.15
N VAL B 155 -7.04 -14.72 -5.92
CA VAL B 155 -8.39 -14.51 -6.50
C VAL B 155 -8.70 -15.66 -7.49
N ARG B 156 -7.70 -16.05 -8.26
CA ARG B 156 -7.91 -17.20 -9.20
C ARG B 156 -8.25 -18.50 -8.49
N GLN B 157 -7.63 -18.71 -7.34
CA GLN B 157 -7.90 -19.91 -6.54
C GLN B 157 -9.33 -19.86 -6.06
N LEU B 158 -9.74 -18.70 -5.55
CA LEU B 158 -11.13 -18.49 -5.16
C LEU B 158 -12.10 -18.68 -6.34
N ALA B 159 -11.75 -18.13 -7.53
CA ALA B 159 -12.58 -18.29 -8.73
C ALA B 159 -12.78 -19.75 -9.15
N GLU B 160 -11.73 -20.56 -9.04
CA GLU B 160 -11.86 -22.00 -9.29
C GLU B 160 -12.87 -22.62 -8.33
N LYS B 161 -12.72 -22.25 -7.05
CA LYS B 161 -13.62 -22.79 -6.05
C LYS B 161 -15.06 -22.43 -6.30
N VAL B 162 -15.30 -21.21 -6.75
CA VAL B 162 -16.65 -20.77 -7.10
C VAL B 162 -17.14 -21.61 -8.31
N GLN B 163 -16.31 -21.77 -9.34
CA GLN B 163 -16.70 -22.52 -10.54
C GLN B 163 -17.04 -23.96 -10.23
N GLN B 164 -16.37 -24.50 -9.23
CA GLN B 164 -16.61 -25.88 -8.79
C GLN B 164 -17.90 -26.03 -7.97
N GLY B 165 -18.56 -24.91 -7.63
CA GLY B 165 -19.71 -24.93 -6.72
C GLY B 165 -19.36 -25.09 -5.23
N ASN B 166 -18.08 -24.94 -4.89
CA ASN B 166 -17.64 -25.07 -3.49
C ASN B 166 -17.51 -23.74 -2.68
N LEU B 167 -17.98 -22.64 -3.26
CA LEU B 167 -17.87 -21.34 -2.62
C LEU B 167 -18.86 -20.35 -3.20
N GLN B 168 -19.57 -19.63 -2.32
CA GLN B 168 -20.54 -18.62 -2.77
C GLN B 168 -19.83 -17.29 -2.87
N PRO B 169 -20.09 -16.50 -3.94
CA PRO B 169 -19.45 -15.16 -4.00
C PRO B 169 -19.60 -14.34 -2.72
N ASP B 170 -20.78 -14.40 -2.07
CA ASP B 170 -21.01 -13.60 -0.85
C ASP B 170 -20.26 -14.12 0.38
N GLN B 171 -19.72 -15.33 0.29
CA GLN B 171 -18.91 -15.85 1.40
C GLN B 171 -17.47 -15.31 1.36
N ILE B 172 -17.05 -14.68 0.26
CA ILE B 172 -15.65 -14.20 0.18
C ILE B 172 -15.48 -12.93 1.00
N ASP B 173 -14.61 -13.00 2.01
CA ASP B 173 -14.31 -11.83 2.85
C ASP B 173 -12.81 -11.63 2.98
N GLU B 174 -12.40 -10.66 3.80
CA GLU B 174 -10.96 -10.35 3.91
C GLU B 174 -10.20 -11.49 4.51
N GLU B 175 -10.74 -12.13 5.56
CA GLU B 175 -10.05 -13.33 6.11
C GLU B 175 -9.79 -14.41 5.04
N MET B 176 -10.83 -14.72 4.26
CA MET B 176 -10.70 -15.73 3.24
C MET B 176 -9.65 -15.36 2.19
N LEU B 177 -9.67 -14.11 1.69
CA LEU B 177 -8.63 -13.76 0.72
C LEU B 177 -7.26 -13.80 1.38
N ASN B 178 -7.21 -13.36 2.63
CA ASN B 178 -5.95 -13.37 3.31
C ASN B 178 -5.32 -14.77 3.30
N GLN B 179 -6.19 -15.79 3.38
CA GLN B 179 -5.75 -17.17 3.46
C GLN B 179 -5.13 -17.66 2.18
N HIS B 180 -5.33 -16.92 1.09
CA HIS B 180 -4.85 -17.33 -0.22
C HIS B 180 -3.77 -16.39 -0.77
N VAL B 181 -3.19 -15.53 0.08
CA VAL B 181 -2.14 -14.61 -0.37
C VAL B 181 -0.85 -15.00 0.37
N CYS B 182 0.29 -14.64 -0.21
CA CYS B 182 1.58 -15.11 0.33
C CYS B 182 1.74 -14.75 1.79
N MET B 183 2.40 -15.65 2.59
CA MET B 183 2.80 -15.38 4.00
C MET B 183 1.68 -15.28 5.02
N HIS B 184 0.49 -15.80 4.69
CA HIS B 184 -0.63 -15.76 5.61
C HIS B 184 -0.35 -16.60 6.88
N GLU B 185 0.58 -17.58 6.83
CA GLU B 185 0.99 -18.29 8.06
C GLU B 185 1.92 -17.58 9.04
N LEU B 186 2.49 -16.42 8.62
CA LEU B 186 3.54 -15.76 9.43
C LEU B 186 2.96 -14.56 10.13
N ALA B 187 3.69 -14.06 11.10
CA ALA B 187 3.33 -12.77 11.72
C ALA B 187 3.08 -11.67 10.63
N PRO B 188 2.13 -10.76 10.87
CA PRO B 188 1.88 -9.68 9.96
C PRO B 188 3.16 -8.88 9.79
N VAL B 189 3.35 -8.37 8.57
CA VAL B 189 4.49 -7.43 8.32
C VAL B 189 4.33 -6.18 9.18
N ASP B 190 5.33 -5.94 10.00
CA ASP B 190 5.38 -4.85 10.97
C ASP B 190 6.06 -3.65 10.36
N LEU B 191 7.06 -3.89 9.51
CA LEU B 191 7.96 -2.78 9.08
C LEU B 191 8.43 -3.13 7.66
N VAL B 192 8.38 -2.15 6.77
CA VAL B 192 8.92 -2.27 5.42
C VAL B 192 10.04 -1.24 5.29
N ILE B 193 11.25 -1.70 4.96
CA ILE B 193 12.39 -0.76 4.76
C ILE B 193 12.64 -0.69 3.24
N ARG B 194 12.81 0.50 2.64
CA ARG B 194 13.25 0.55 1.26
C ARG B 194 14.56 1.35 1.31
N THR B 195 15.66 0.74 0.83
CA THR B 195 16.95 1.43 0.71
C THR B 195 17.02 2.07 -0.66
N GLY B 196 18.03 2.94 -0.87
CA GLY B 196 18.22 3.40 -2.25
C GLY B 196 17.60 4.73 -2.58
N GLY B 197 16.80 5.29 -1.68
CA GLY B 197 16.37 6.66 -1.88
C GLY B 197 14.95 6.84 -2.45
N GLU B 198 14.36 5.84 -3.10
CA GLU B 198 13.01 6.07 -3.73
C GLU B 198 11.92 5.88 -2.69
N HIS B 199 10.80 6.56 -2.85
CA HIS B 199 9.76 6.53 -1.80
C HIS B 199 8.49 5.86 -2.36
N ARG B 200 8.63 4.59 -2.77
CA ARG B 200 7.54 3.87 -3.42
C ARG B 200 7.60 2.44 -3.01
N ILE B 201 6.46 1.76 -3.13
CA ILE B 201 6.40 0.29 -2.83
C ILE B 201 6.76 -0.52 -4.06
N SER B 202 6.55 0.07 -5.22
CA SER B 202 6.96 -0.52 -6.53
C SER B 202 6.40 -1.92 -6.65
N ASN B 203 5.10 -2.10 -6.28
CA ASN B 203 4.40 -3.37 -6.43
C ASN B 203 5.18 -4.56 -5.80
N PHE B 204 5.85 -4.26 -4.67
CA PHE B 204 6.16 -5.31 -3.69
C PHE B 204 4.82 -5.61 -2.95
N LEU B 205 4.87 -5.94 -1.68
CA LEU B 205 3.67 -6.40 -0.97
C LEU B 205 2.64 -5.24 -0.95
N LEU B 206 1.37 -5.57 -1.14
CA LEU B 206 0.29 -4.58 -1.10
C LEU B 206 -0.74 -4.99 -0.03
N TRP B 207 -1.38 -6.13 -0.22
CA TRP B 207 -2.35 -6.63 0.77
C TRP B 207 -1.72 -6.67 2.19
N GLN B 208 -0.47 -7.11 2.24
CA GLN B 208 0.23 -7.40 3.49
C GLN B 208 0.73 -6.16 4.25
N ILE B 209 0.76 -5.02 3.58
CA ILE B 209 1.31 -3.85 4.22
C ILE B 209 0.29 -2.85 4.71
N ALA B 210 -0.97 -3.29 4.78
CA ALA B 210 -2.08 -2.37 5.23
C ALA B 210 -1.73 -1.61 6.52
N TYR B 211 -1.09 -2.28 7.47
CA TYR B 211 -0.80 -1.63 8.75
C TYR B 211 0.70 -1.57 9.09
N ALA B 212 1.59 -1.80 8.14
CA ALA B 212 3.02 -1.80 8.37
C ALA B 212 3.60 -0.39 8.52
N GLU B 213 4.61 -0.25 9.35
CA GLU B 213 5.41 0.98 9.35
C GLU B 213 6.30 1.00 8.06
N LEU B 214 6.42 2.17 7.42
CA LEU B 214 7.18 2.31 6.12
C LEU B 214 8.40 3.15 6.45
N TYR B 215 9.59 2.62 6.19
CA TYR B 215 10.81 3.34 6.54
C TYR B 215 11.68 3.46 5.29
N PHE B 216 11.97 4.68 4.87
CA PHE B 216 12.77 4.91 3.67
C PHE B 216 14.09 5.50 4.07
N THR B 217 15.16 4.95 3.51
CA THR B 217 16.48 5.43 3.73
C THR B 217 17.20 5.64 2.38
N ASP B 218 17.98 6.70 2.31
CA ASP B 218 18.79 7.00 1.08
C ASP B 218 20.02 6.08 0.98
N VAL B 219 20.35 5.37 2.06
CA VAL B 219 21.50 4.44 2.02
C VAL B 219 21.29 3.40 0.91
N LEU B 220 22.34 3.17 0.10
CA LEU B 220 22.23 2.24 -0.99
C LEU B 220 22.38 0.83 -0.41
N TRP B 221 21.74 -0.18 -1.03
CA TRP B 221 21.64 -1.51 -0.42
C TRP B 221 23.02 -2.11 -0.02
N PRO B 222 24.03 -1.99 -0.92
CA PRO B 222 25.35 -2.59 -0.49
C PRO B 222 25.97 -2.02 0.83
N ASP B 223 25.63 -0.78 1.13
CA ASP B 223 26.10 -0.05 2.33
C ASP B 223 25.21 -0.22 3.54
N PHE B 224 24.00 -0.72 3.33
CA PHE B 224 23.07 -0.93 4.42
C PHE B 224 23.62 -1.99 5.38
N ASP B 225 23.92 -1.58 6.60
CA ASP B 225 24.58 -2.45 7.55
C ASP B 225 23.77 -2.59 8.85
N GLU B 226 24.38 -3.14 9.91
CA GLU B 226 23.61 -3.39 11.14
C GLU B 226 23.07 -2.11 11.80
N GLN B 227 23.86 -1.04 11.77
CA GLN B 227 23.49 0.25 12.36
C GLN B 227 22.25 0.79 11.60
N ASP B 228 22.23 0.64 10.27
CA ASP B 228 21.12 1.12 9.45
C ASP B 228 19.83 0.29 9.80
N PHE B 229 20.01 -1.01 10.01
CA PHE B 229 18.90 -1.94 10.30
C PHE B 229 18.35 -1.56 11.70
N GLU B 230 19.24 -1.32 12.66
CA GLU B 230 18.80 -0.93 13.99
C GLU B 230 18.09 0.40 13.98
N GLY B 231 18.55 1.32 13.13
CA GLY B 231 17.89 2.62 13.00
C GLY B 231 16.46 2.47 12.53
N ALA B 232 16.20 1.54 11.59
CA ALA B 232 14.86 1.25 11.10
C ALA B 232 14.00 0.67 12.26
N LEU B 233 14.59 -0.25 12.98
CA LEU B 233 13.94 -0.86 14.16
C LEU B 233 13.54 0.16 15.25
N ASN B 234 14.34 1.20 15.42
CA ASN B 234 13.99 2.34 16.26
C ASN B 234 12.84 3.23 15.81
N ALA B 235 12.80 3.54 14.52
CA ALA B 235 11.66 4.23 13.94
C ALA B 235 10.44 3.44 14.30
N PHE B 236 10.53 2.12 14.18
CA PHE B 236 9.42 1.30 14.53
C PHE B 236 9.08 1.42 16.03
N ALA B 237 10.08 1.28 16.92
CA ALA B 237 9.85 1.28 18.37
C ALA B 237 9.44 2.67 18.86
N ASN B 238 10.11 3.71 18.41
CA ASN B 238 9.69 5.09 18.70
C ASN B 238 8.18 5.24 18.55
N ARG B 239 7.72 5.04 17.33
CA ARG B 239 6.30 5.09 16.99
C ARG B 239 5.46 4.09 17.80
#